data_3GD2
#
_entry.id   3GD2
#
_cell.length_a   158.749
_cell.length_b   158.749
_cell.length_c   158.749
_cell.angle_alpha   90.000
_cell.angle_beta   90.000
_cell.angle_gamma   90.000
#
_symmetry.space_group_name_H-M   'F 2 3'
#
loop_
_entity.id
_entity.type
_entity.pdbx_description
1 polymer 'Bile acid receptor'
2 polymer 'activator peptide'
3 non-polymer '3-[(E)-2-(2-chloro-4-{[3-{[(R)-(2,6-dichlorophenyl)(hydroxy)-lambda~4~-sulfanyl]methyl}-5-(1-methylethyl)isoxazol-4-yl]methoxy}phenyl)ethenyl]benzoic acid'
4 water water
#
loop_
_entity_poly.entity_id
_entity_poly.type
_entity_poly.pdbx_seq_one_letter_code
_entity_poly.pdbx_strand_id
1 'polypeptide(L)'
;GSTPDQQTLLHFIMDSYNKQRMPQEITNKILKEEFSAEENFLILTEMATNHVQVLVEFTKKLPGFQTLDHEDQIALLKGS
AVEAMFLRSAEIFNKKLPSGHSDLLEERIRNSGISDEYITPMFSFYKSIGELKMTQEEYALLTAIVILSPDRQYIKDREA
VEKLQEPLLDVLQKLCKIHQPENPQHFAELLGRLTELRTFNHHHAEMLMSWRVNDHKFTPLLEEIWDVQ
;
A
2 'polypeptide(L)' AHQLLRYLLDA B
#
loop_
_chem_comp.id
_chem_comp.type
_chem_comp.name
_chem_comp.formula
708 non-polymer '3-[(E)-2-(2-chloro-4-{[3-{[(R)-(2,6-dichlorophenyl)(hydroxy)-lambda~4~-sulfanyl]methyl}-5-(1-methylethyl)isoxazol-4-yl]methoxy}phenyl)ethenyl]benzoic acid' 'C29 H26 Cl3 N O5 S'
#
# COMPACT_ATOMS: atom_id res chain seq x y z
N GLY A 1 23.53 -6.99 -14.19
CA GLY A 1 24.32 -6.41 -13.07
C GLY A 1 23.82 -5.01 -12.71
N SER A 2 23.71 -4.75 -11.41
CA SER A 2 23.22 -3.47 -10.89
C SER A 2 24.37 -2.49 -10.69
N THR A 3 24.14 -1.21 -11.00
CA THR A 3 25.17 -0.18 -10.86
C THR A 3 25.32 0.21 -9.38
N PRO A 4 26.45 0.84 -9.00
CA PRO A 4 26.56 1.32 -7.62
C PRO A 4 25.64 2.49 -7.31
N ASP A 5 25.27 3.24 -8.34
CA ASP A 5 24.37 4.37 -8.18
C ASP A 5 22.92 3.89 -8.10
N GLN A 6 22.65 2.73 -8.67
CA GLN A 6 21.37 2.05 -8.46
C GLN A 6 21.39 1.32 -7.11
N GLN A 7 22.54 0.73 -6.77
CA GLN A 7 22.67 -0.08 -5.54
C GLN A 7 22.37 0.74 -4.28
N THR A 8 22.79 1.99 -4.27
CA THR A 8 22.48 2.89 -3.17
C THR A 8 20.97 3.11 -3.00
N LEU A 9 20.25 3.13 -4.13
CA LEU A 9 18.80 3.34 -4.15
C LEU A 9 18.05 2.19 -3.46
N LEU A 10 18.37 0.97 -3.86
CA LEU A 10 17.71 -0.21 -3.31
C LEU A 10 17.94 -0.35 -1.82
N HIS A 11 19.19 -0.21 -1.38
CA HIS A 11 19.50 -0.29 0.05
C HIS A 11 18.70 0.75 0.81
N PHE A 12 18.71 1.99 0.31
CA PHE A 12 17.93 3.09 0.89
C PHE A 12 16.45 2.72 1.04
N ILE A 13 15.86 2.20 -0.03
CA ILE A 13 14.44 1.86 -0.04
C ILE A 13 14.12 0.69 0.89
N MET A 14 14.92 -0.38 0.79
CA MET A 14 14.75 -1.54 1.68
C MET A 14 14.97 -1.14 3.14
N ASP A 15 15.92 -0.24 3.36
CA ASP A 15 16.16 0.31 4.69
C ASP A 15 14.94 1.09 5.19
N SER A 16 14.41 1.96 4.34
CA SER A 16 13.19 2.72 4.65
C SER A 16 11.99 1.80 4.88
N TYR A 17 11.85 0.80 4.02
CA TYR A 17 10.74 -0.16 4.10
C TYR A 17 10.76 -0.92 5.43
N ASN A 18 11.94 -1.38 5.85
CA ASN A 18 12.12 -2.13 7.10
C ASN A 18 12.08 -1.25 8.36
N LYS A 19 12.20 0.07 8.19
CA LYS A 19 12.27 0.99 9.32
C LYS A 19 10.91 1.33 9.97
N GLN A 20 9.89 0.52 9.72
CA GLN A 20 8.56 0.73 10.32
C GLN A 20 7.75 -0.57 10.36
N ARG A 21 7.39 -0.99 11.58
CA ARG A 21 6.52 -2.15 11.80
C ARG A 21 5.23 -1.70 12.50
N MET A 22 4.20 -2.56 12.42
CA MET A 22 2.92 -2.30 13.06
C MET A 22 2.97 -2.64 14.55
N PRO A 23 2.56 -1.69 15.42
CA PRO A 23 2.45 -1.92 16.86
C PRO A 23 1.80 -3.26 17.22
N GLN A 24 2.36 -3.95 18.22
CA GLN A 24 1.80 -5.20 18.70
C GLN A 24 0.40 -4.96 19.26
N GLU A 25 0.31 -3.93 20.10
CA GLU A 25 -0.96 -3.49 20.71
C GLU A 25 -2.16 -3.46 19.77
N ILE A 26 -1.93 -3.10 18.51
CA ILE A 26 -2.99 -3.09 17.51
C ILE A 26 -3.20 -4.51 16.95
N THR A 27 -2.11 -5.14 16.52
CA THR A 27 -2.16 -6.50 15.94
C THR A 27 -2.57 -7.58 16.96
N ASN A 28 -2.37 -7.30 18.25
CA ASN A 28 -2.83 -8.18 19.33
C ASN A 28 -4.35 -8.32 19.38
N LYS A 29 -5.06 -7.32 18.87
CA LYS A 29 -6.52 -7.33 18.88
C LYS A 29 -7.11 -8.35 17.91
N ILE A 30 -6.31 -8.76 16.93
CA ILE A 30 -6.68 -9.84 15.98
C ILE A 30 -6.86 -11.15 16.75
N LEU A 31 -6.05 -11.28 17.82
CA LEU A 31 -6.00 -12.47 18.63
C LEU A 31 -7.01 -12.39 19.77
N LYS A 32 -6.86 -11.36 20.60
CA LYS A 32 -7.59 -11.24 21.86
C LYS A 32 -9.09 -10.96 21.70
N GLU A 33 -9.43 -9.86 21.04
CA GLU A 33 -10.79 -9.29 21.04
C GLU A 33 -11.92 -10.23 20.57
N GLU A 34 -13.16 -9.80 20.81
CA GLU A 34 -14.36 -10.55 20.39
C GLU A 34 -14.48 -10.60 18.88
N SER A 36 -17.42 -9.95 17.01
CA SER A 36 -18.59 -9.28 16.44
C SER A 36 -18.15 -8.67 15.11
N ALA A 37 -19.10 -8.50 14.19
CA ALA A 37 -18.80 -7.85 12.92
C ALA A 37 -18.41 -6.38 13.11
N GLU A 38 -18.95 -5.76 14.16
CA GLU A 38 -18.59 -4.38 14.49
C GLU A 38 -17.15 -4.31 14.94
N GLU A 39 -16.73 -5.26 15.77
CA GLU A 39 -15.37 -5.26 16.30
C GLU A 39 -14.35 -5.51 15.20
N ASN A 40 -14.61 -6.53 14.39
CA ASN A 40 -13.72 -6.87 13.29
C ASN A 40 -13.49 -5.65 12.39
N PHE A 41 -14.56 -4.97 12.02
CA PHE A 41 -14.46 -3.76 11.22
C PHE A 41 -13.61 -2.69 11.91
N LEU A 42 -13.90 -2.44 13.18
CA LEU A 42 -13.20 -1.41 13.96
C LEU A 42 -11.69 -1.68 14.02
N ILE A 43 -11.33 -2.96 14.13
CA ILE A 43 -9.91 -3.34 14.16
C ILE A 43 -9.23 -3.01 12.86
N LEU A 44 -9.85 -3.42 11.75
CA LEU A 44 -9.33 -3.09 10.41
C LEU A 44 -9.13 -1.58 10.24
N THR A 45 -10.10 -0.80 10.71
CA THR A 45 -9.97 0.65 10.71
C THR A 45 -8.74 1.12 11.51
N GLU A 46 -8.42 0.44 12.60
CA GLU A 46 -7.30 0.84 13.44
C GLU A 46 -5.97 0.59 12.75
N MET A 47 -5.95 -0.41 11.89
CA MET A 47 -4.74 -0.77 11.13
C MET A 47 -4.60 0.09 9.89
N ALA A 48 -5.73 0.39 9.26
CA ALA A 48 -5.78 1.35 8.16
C ALA A 48 -5.20 2.69 8.59
N THR A 49 -5.64 3.20 9.73
CA THR A 49 -5.13 4.45 10.25
C THR A 49 -3.63 4.36 10.50
N ASN A 50 -3.18 3.28 11.14
CA ASN A 50 -1.77 3.13 11.44
C ASN A 50 -0.94 3.08 10.18
N HIS A 51 -1.43 2.36 9.15
CA HIS A 51 -0.69 2.21 7.90
C HIS A 51 -0.55 3.49 7.07
N VAL A 52 -1.47 4.42 7.24
CA VAL A 52 -1.34 5.73 6.60
C VAL A 52 -0.07 6.40 7.09
N GLN A 53 0.21 6.27 8.38
CA GLN A 53 1.37 6.91 9.00
C GLN A 53 2.67 6.26 8.53
N VAL A 54 2.66 4.92 8.51
CA VAL A 54 3.77 4.15 7.95
C VAL A 54 4.09 4.66 6.56
N LEU A 55 3.04 4.75 5.75
CA LEU A 55 3.15 5.14 4.36
C LEU A 55 3.74 6.53 4.22
N VAL A 56 3.23 7.48 4.99
CA VAL A 56 3.78 8.83 5.00
C VAL A 56 5.28 8.81 5.31
N GLU A 57 5.68 8.08 6.36
CA GLU A 57 7.09 8.04 6.77
C GLU A 57 7.98 7.39 5.71
N PHE A 58 7.42 6.38 5.04
CA PHE A 58 8.08 5.73 3.92
C PHE A 58 8.23 6.73 2.77
N THR A 59 7.12 7.34 2.39
CA THR A 59 7.08 8.28 1.26
C THR A 59 8.04 9.45 1.42
N LYS A 60 8.16 9.98 2.64
CA LYS A 60 9.11 11.06 2.91
C LYS A 60 10.54 10.59 2.57
N LYS A 61 10.86 9.35 2.92
CA LYS A 61 12.19 8.79 2.68
C LYS A 61 12.41 8.35 1.22
N LEU A 62 11.34 8.21 0.44
CA LEU A 62 11.49 7.99 -1.00
C LEU A 62 12.29 9.16 -1.60
N PRO A 63 13.40 8.85 -2.30
CA PRO A 63 14.31 9.89 -2.79
C PRO A 63 13.69 10.85 -3.80
N GLY A 64 13.75 12.14 -3.50
CA GLY A 64 13.26 13.18 -4.41
C GLY A 64 11.81 13.56 -4.22
N PHE A 65 11.13 12.89 -3.29
CA PHE A 65 9.71 13.16 -3.06
C PHE A 65 9.49 14.55 -2.47
N GLN A 66 10.36 14.94 -1.55
CA GLN A 66 10.13 16.12 -0.72
C GLN A 66 10.27 17.41 -1.52
N THR A 67 10.97 17.32 -2.65
CA THR A 67 11.13 18.43 -3.57
C THR A 67 9.83 18.71 -4.34
N LEU A 68 9.02 17.68 -4.53
CA LEU A 68 7.78 17.79 -5.31
C LEU A 68 6.79 18.83 -4.77
N ASP A 69 6.00 19.39 -5.68
CA ASP A 69 4.95 20.36 -5.34
C ASP A 69 4.14 19.86 -4.16
N HIS A 70 4.05 20.68 -3.12
CA HIS A 70 3.29 20.34 -1.92
C HIS A 70 1.90 19.81 -2.25
N GLU A 71 1.24 20.43 -3.23
CA GLU A 71 -0.08 19.98 -3.65
C GLU A 71 -0.04 18.65 -4.43
N ASP A 72 1.09 18.37 -5.10
CA ASP A 72 1.27 17.06 -5.76
C ASP A 72 1.54 15.96 -4.74
N GLN A 73 2.29 16.29 -3.69
CA GLN A 73 2.63 15.32 -2.64
C GLN A 73 1.39 14.71 -2.00
N ILE A 74 0.38 15.55 -1.74
CA ILE A 74 -0.89 15.07 -1.17
C ILE A 74 -1.61 14.17 -2.17
N ALA A 75 -1.68 14.61 -3.43
CA ALA A 75 -2.34 13.83 -4.49
C ALA A 75 -1.77 12.41 -4.65
N LEU A 76 -0.45 12.29 -4.47
CA LEU A 76 0.23 11.01 -4.61
C LEU A 76 -0.07 10.07 -3.45
N LEU A 77 -0.28 10.65 -2.27
CA LEU A 77 -0.61 9.88 -1.08
C LEU A 77 -2.06 9.47 -1.08
N LYS A 78 -2.96 10.38 -1.43
CA LYS A 78 -4.38 10.06 -1.46
C LYS A 78 -4.70 9.00 -2.50
N GLY A 79 -4.15 9.14 -3.70
CA GLY A 79 -4.42 8.22 -4.79
C GLY A 79 -3.82 6.84 -4.64
N SER A 80 -2.80 6.71 -3.78
CA SER A 80 -2.07 5.44 -3.61
C SER A 80 -2.30 4.69 -2.30
N ALA A 81 -2.80 5.37 -1.27
CA ALA A 81 -3.00 4.77 0.05
C ALA A 81 -3.63 3.36 0.01
N VAL A 82 -4.87 3.26 -0.47
CA VAL A 82 -5.59 1.96 -0.55
C VAL A 82 -4.76 0.87 -1.20
N GLU A 83 -4.06 1.21 -2.28
CA GLU A 83 -3.24 0.24 -3.00
C GLU A 83 -2.07 -0.26 -2.16
N ALA A 84 -1.36 0.65 -1.53
CA ALA A 84 -0.26 0.26 -0.65
C ALA A 84 -0.75 -0.66 0.50
N MET A 85 -1.96 -0.41 0.98
CA MET A 85 -2.56 -1.22 2.03
C MET A 85 -2.88 -2.62 1.55
N PHE A 86 -3.31 -2.74 0.29
CA PHE A 86 -3.55 -4.06 -0.32
C PHE A 86 -2.27 -4.85 -0.43
N LEU A 87 -1.18 -4.17 -0.74
CA LEU A 87 0.11 -4.83 -0.90
C LEU A 87 0.67 -5.27 0.42
N ARG A 88 0.58 -4.40 1.42
CA ARG A 88 1.11 -4.73 2.74
C ARG A 88 0.40 -5.94 3.31
N SER A 89 -0.92 -5.93 3.27
CA SER A 89 -1.69 -7.10 3.69
C SER A 89 -1.22 -8.33 2.90
N ALA A 90 -1.21 -8.23 1.57
CA ALA A 90 -0.76 -9.33 0.73
C ALA A 90 0.58 -9.89 1.22
N GLU A 91 1.55 -9.02 1.42
CA GLU A 91 2.87 -9.44 1.93
C GLU A 91 2.74 -10.23 3.22
N ILE A 92 1.92 -9.73 4.14
CA ILE A 92 1.72 -10.38 5.44
C ILE A 92 1.07 -11.76 5.28
N PHE A 93 -0.08 -11.83 4.62
CA PHE A 93 -0.72 -13.14 4.36
C PHE A 93 0.14 -14.11 3.53
N ASN A 94 1.03 -13.60 2.69
CA ASN A 94 1.84 -14.45 1.80
C ASN A 94 3.15 -14.88 2.44
N LYS A 95 3.68 -14.04 3.30
CA LYS A 95 4.90 -14.35 4.03
C LYS A 95 4.53 -14.89 5.40
N LEU A 97 3.31 -14.42 8.29
CA LEU A 97 4.08 -13.57 9.20
C LEU A 97 3.68 -13.83 10.67
N PRO A 98 4.61 -13.57 11.62
CA PRO A 98 4.28 -13.76 13.05
C PRO A 98 3.20 -12.80 13.59
N SER A 99 3.29 -11.51 13.23
CA SER A 99 2.32 -10.49 13.65
C SER A 99 1.09 -10.38 12.71
N GLY A 100 0.99 -11.29 11.73
CA GLY A 100 -0.14 -11.31 10.80
C GLY A 100 -1.35 -12.03 11.36
N HIS A 101 -1.14 -13.27 11.83
CA HIS A 101 -2.19 -14.15 12.35
C HIS A 101 -3.11 -14.61 11.21
N SER A 102 -2.52 -14.88 10.05
CA SER A 102 -3.23 -15.19 8.82
C SER A 102 -4.66 -15.70 9.02
N ASP A 103 -4.79 -16.82 9.74
CA ASP A 103 -6.08 -17.50 9.93
C ASP A 103 -7.12 -16.61 10.63
N LEU A 104 -6.74 -16.07 11.79
CA LEU A 104 -7.62 -15.17 12.55
C LEU A 104 -8.01 -13.94 11.75
N LEU A 105 -6.98 -13.26 11.24
CA LEU A 105 -7.14 -12.02 10.50
C LEU A 105 -8.05 -12.22 9.31
N GLU A 106 -7.84 -13.31 8.57
CA GLU A 106 -8.70 -13.62 7.44
C GLU A 106 -10.15 -13.79 7.88
N GLU A 107 -10.35 -14.48 9.00
CA GLU A 107 -11.71 -14.73 9.53
C GLU A 107 -12.38 -13.45 9.97
N ARG A 108 -11.60 -12.53 10.52
CA ARG A 108 -12.10 -11.23 10.94
C ARG A 108 -12.50 -10.37 9.75
N ILE A 109 -11.63 -10.35 8.74
CA ILE A 109 -11.92 -9.66 7.49
C ILE A 109 -13.22 -10.18 6.86
N ARG A 110 -13.34 -11.50 6.79
CA ARG A 110 -14.52 -12.13 6.20
C ARG A 110 -15.83 -11.73 6.90
N ASN A 111 -15.77 -11.59 8.22
CA ASN A 111 -16.94 -11.21 9.02
C ASN A 111 -16.81 -9.80 9.58
N SER A 112 -16.87 -8.80 8.70
CA SER A 112 -16.83 -7.39 9.11
C SER A 112 -17.99 -6.56 8.54
N GLY A 113 -19.01 -7.24 8.02
CA GLY A 113 -20.08 -6.54 7.34
C GLY A 113 -19.63 -5.93 6.03
N ILE A 114 -18.56 -6.47 5.45
CA ILE A 114 -18.08 -6.02 4.15
C ILE A 114 -18.57 -6.99 3.06
N SER A 115 -18.95 -6.42 1.92
CA SER A 115 -19.49 -7.16 0.78
C SER A 115 -18.54 -8.25 0.28
N ASP A 116 -19.11 -9.39 -0.14
CA ASP A 116 -18.32 -10.47 -0.75
C ASP A 116 -17.91 -10.06 -2.15
N GLU A 117 -18.77 -9.29 -2.81
CA GLU A 117 -18.43 -8.65 -4.09
C GLU A 117 -16.99 -8.14 -4.05
N TYR A 118 -16.58 -7.65 -2.88
CA TYR A 118 -15.28 -7.00 -2.67
C TYR A 118 -14.28 -7.93 -1.99
N ILE A 119 -14.75 -8.63 -0.95
CA ILE A 119 -13.91 -9.58 -0.21
C ILE A 119 -13.44 -10.75 -1.08
N THR A 120 -14.35 -11.32 -1.86
CA THR A 120 -14.01 -12.44 -2.75
C THR A 120 -12.79 -12.14 -3.65
N PRO A 121 -12.90 -11.13 -4.55
CA PRO A 121 -11.74 -10.71 -5.37
C PRO A 121 -10.47 -10.36 -4.60
N MET A 122 -10.62 -9.83 -3.38
CA MET A 122 -9.49 -9.43 -2.56
C MET A 122 -8.55 -10.59 -2.29
N PHE A 123 -9.14 -11.74 -1.95
CA PHE A 123 -8.35 -12.92 -1.61
C PHE A 123 -7.87 -13.67 -2.85
N SER A 124 -8.68 -13.62 -3.90
CA SER A 124 -8.24 -14.05 -5.24
C SER A 124 -6.95 -13.34 -5.67
N PHE A 125 -6.87 -12.04 -5.32
CA PHE A 125 -5.68 -11.22 -5.58
C PHE A 125 -4.51 -11.64 -4.68
N TYR A 126 -4.79 -11.84 -3.39
CA TYR A 126 -3.76 -12.21 -2.44
C TYR A 126 -3.09 -13.53 -2.80
N LYS A 127 -3.89 -14.50 -3.23
CA LYS A 127 -3.34 -15.80 -3.64
C LYS A 127 -2.40 -15.55 -4.80
N SER A 128 -2.93 -15.00 -5.88
CA SER A 128 -2.16 -14.80 -7.10
C SER A 128 -0.85 -14.04 -6.87
N ILE A 129 -0.89 -12.98 -6.07
CA ILE A 129 0.34 -12.24 -5.77
C ILE A 129 1.29 -13.04 -4.86
N GLY A 130 0.73 -13.98 -4.10
CA GLY A 130 1.53 -14.90 -3.29
C GLY A 130 2.19 -15.96 -4.16
N GLU A 131 1.42 -16.45 -5.14
CA GLU A 131 1.91 -17.42 -6.12
C GLU A 131 3.12 -16.90 -6.87
N LEU A 132 3.16 -15.61 -7.15
CA LEU A 132 4.35 -15.01 -7.76
C LEU A 132 5.60 -15.22 -6.91
N LYS A 133 5.46 -15.78 -5.71
CA LYS A 133 6.60 -16.05 -4.84
C LYS A 133 7.47 -14.81 -4.79
N MET A 134 6.87 -13.72 -4.32
CA MET A 134 7.44 -12.39 -4.44
C MET A 134 8.42 -12.11 -3.29
N THR A 135 9.55 -11.48 -3.64
CA THR A 135 10.60 -11.16 -2.68
C THR A 135 10.28 -9.89 -1.90
N GLN A 136 10.84 -9.77 -0.69
CA GLN A 136 10.70 -8.54 0.09
C GLN A 136 11.27 -7.29 -0.63
N GLU A 137 12.15 -7.48 -1.60
CA GLU A 137 12.59 -6.39 -2.47
C GLU A 137 11.47 -6.04 -3.44
N GLU A 138 10.85 -7.08 -3.99
CA GLU A 138 9.79 -6.92 -4.98
C GLU A 138 8.52 -6.33 -4.39
N TYR A 139 8.26 -6.62 -3.10
CA TYR A 139 7.17 -5.96 -2.37
C TYR A 139 7.52 -4.50 -2.12
N ALA A 140 8.76 -4.25 -1.73
CA ALA A 140 9.19 -2.92 -1.30
C ALA A 140 9.36 -1.94 -2.46
N LEU A 141 9.84 -2.44 -3.60
CA LEU A 141 10.02 -1.60 -4.79
C LEU A 141 8.68 -1.31 -5.47
N LEU A 142 7.82 -2.33 -5.59
CA LEU A 142 6.47 -2.14 -6.16
C LEU A 142 5.64 -1.13 -5.40
N THR A 143 5.80 -1.09 -4.09
CA THR A 143 5.09 -0.14 -3.24
C THR A 143 5.49 1.28 -3.60
N ALA A 144 6.79 1.53 -3.65
CA ALA A 144 7.30 2.86 -3.99
C ALA A 144 6.80 3.26 -5.37
N ILE A 145 6.93 2.33 -6.31
CA ILE A 145 6.48 2.54 -7.68
C ILE A 145 5.01 2.98 -7.69
N VAL A 146 4.17 2.23 -6.98
CA VAL A 146 2.76 2.57 -6.81
C VAL A 146 2.58 3.96 -6.20
N ILE A 147 3.24 4.21 -5.08
CA ILE A 147 3.12 5.50 -4.42
C ILE A 147 3.42 6.60 -5.45
N LEU A 148 4.54 6.45 -6.15
CA LEU A 148 5.00 7.43 -7.13
C LEU A 148 4.47 7.10 -8.53
N SER A 149 3.17 6.87 -8.65
CA SER A 149 2.52 6.73 -9.95
C SER A 149 2.09 8.12 -10.46
N PRO A 150 2.70 8.60 -11.56
CA PRO A 150 2.43 9.92 -12.13
C PRO A 150 0.99 10.13 -12.55
N ASP A 151 0.34 9.06 -13.01
CA ASP A 151 -1.01 9.14 -13.56
C ASP A 151 -2.11 9.07 -12.50
N ARG A 152 -1.92 9.80 -11.40
CA ARG A 152 -2.97 9.92 -10.39
C ARG A 152 -3.84 11.10 -10.78
N GLN A 153 -5.04 11.13 -10.24
CA GLN A 153 -5.96 12.23 -10.45
C GLN A 153 -5.48 13.48 -9.71
N TYR A 154 -5.68 14.64 -10.32
CA TYR A 154 -5.28 15.95 -9.75
C TYR A 154 -3.77 16.18 -9.60
N ILE A 155 -2.96 15.47 -10.39
CA ILE A 155 -1.52 15.71 -10.37
C ILE A 155 -1.20 16.86 -11.32
N LYS A 156 -0.55 17.89 -10.81
CA LYS A 156 -0.24 19.07 -11.61
C LYS A 156 0.93 18.80 -12.55
N ASP A 157 2.03 18.30 -12.01
CA ASP A 157 3.30 18.16 -12.72
C ASP A 157 3.64 16.67 -12.83
N ARG A 158 2.96 15.99 -13.76
CA ARG A 158 3.13 14.54 -13.94
C ARG A 158 4.53 14.15 -14.38
N GLU A 159 5.17 15.02 -15.15
CA GLU A 159 6.52 14.77 -15.67
C GLU A 159 7.52 14.54 -14.53
N ALA A 160 7.46 15.40 -13.51
CA ALA A 160 8.36 15.34 -12.36
C ALA A 160 8.25 14.04 -11.55
N VAL A 161 7.08 13.40 -11.59
CA VAL A 161 6.88 12.12 -10.90
C VAL A 161 7.54 11.01 -11.70
N GLU A 162 7.37 11.04 -13.02
CA GLU A 162 7.91 9.99 -13.91
C GLU A 162 9.41 9.89 -13.73
N LYS A 163 10.07 11.04 -13.60
CA LYS A 163 11.52 11.10 -13.39
C LYS A 163 11.95 10.39 -12.11
N LEU A 164 11.07 10.39 -11.11
CA LEU A 164 11.31 9.66 -9.87
C LEU A 164 10.90 8.18 -9.94
N GLN A 165 9.82 7.88 -10.66
CA GLN A 165 9.32 6.49 -10.75
C GLN A 165 10.19 5.58 -11.61
N GLU A 166 10.53 6.03 -12.82
CA GLU A 166 11.17 5.16 -13.84
C GLU A 166 12.44 4.46 -13.35
N PRO A 167 13.35 5.19 -12.67
CA PRO A 167 14.53 4.53 -12.09
C PRO A 167 14.18 3.30 -11.24
N LEU A 168 13.07 3.37 -10.50
CA LEU A 168 12.64 2.28 -9.65
C LEU A 168 12.10 1.10 -10.45
N LEU A 169 11.53 1.38 -11.62
CA LEU A 169 11.14 0.32 -12.54
C LEU A 169 12.37 -0.31 -13.17
N ASP A 170 13.32 0.53 -13.57
CA ASP A 170 14.57 0.08 -14.21
C ASP A 170 15.37 -0.85 -13.30
N VAL A 171 15.37 -0.57 -12.00
CA VAL A 171 16.00 -1.45 -11.01
C VAL A 171 15.25 -2.78 -10.96
N LEU A 172 13.92 -2.69 -10.90
CA LEU A 172 13.09 -3.88 -10.77
C LEU A 172 13.27 -4.83 -11.97
N GLN A 173 13.32 -4.26 -13.18
CA GLN A 173 13.56 -5.07 -14.39
C GLN A 173 14.91 -5.77 -14.34
N LYS A 174 15.90 -5.13 -13.70
CA LYS A 174 17.20 -5.76 -13.52
C LYS A 174 17.06 -7.03 -12.65
N LEU A 175 16.38 -6.90 -11.52
CA LEU A 175 16.22 -8.02 -10.57
C LEU A 175 15.38 -9.18 -11.12
N CYS A 176 14.43 -8.86 -11.99
CA CYS A 176 13.58 -9.88 -12.62
C CYS A 176 14.36 -10.74 -13.62
N LYS A 177 15.47 -10.21 -14.11
CA LYS A 177 16.38 -10.96 -14.97
C LYS A 177 17.44 -11.68 -14.12
N ILE A 178 17.91 -11.01 -13.07
CA ILE A 178 18.92 -11.56 -12.15
C ILE A 178 18.34 -12.66 -11.25
N HIS A 179 17.39 -12.29 -10.40
CA HIS A 179 16.81 -13.24 -9.45
C HIS A 179 15.71 -14.10 -10.06
N GLN A 180 15.37 -13.85 -11.33
CA GLN A 180 14.34 -14.63 -12.01
C GLN A 180 14.66 -14.82 -13.50
N PRO A 181 15.82 -15.46 -13.78
CA PRO A 181 16.30 -15.61 -15.16
C PRO A 181 15.46 -16.55 -16.02
N GLU A 182 15.01 -17.67 -15.45
CA GLU A 182 14.19 -18.63 -16.19
C GLU A 182 13.05 -17.94 -16.94
N ASN A 183 12.16 -17.27 -16.20
CA ASN A 183 11.02 -16.55 -16.77
C ASN A 183 11.31 -15.05 -16.89
N PRO A 184 11.41 -14.53 -18.12
CA PRO A 184 11.64 -13.09 -18.28
C PRO A 184 10.35 -12.27 -18.10
N GLN A 185 9.19 -12.90 -18.32
CA GLN A 185 7.88 -12.24 -18.15
C GLN A 185 7.59 -11.87 -16.69
N HIS A 186 8.35 -12.44 -15.75
CA HIS A 186 8.23 -12.11 -14.34
C HIS A 186 8.12 -10.60 -14.07
N PHE A 187 8.96 -9.80 -14.73
CA PHE A 187 8.89 -8.32 -14.61
C PHE A 187 7.55 -7.75 -15.04
N ALA A 188 6.91 -8.37 -16.02
CA ALA A 188 5.62 -7.93 -16.52
C ALA A 188 4.47 -8.56 -15.75
N GLU A 189 4.75 -9.63 -15.01
CA GLU A 189 3.76 -10.21 -14.09
C GLU A 189 3.59 -9.30 -12.88
N LEU A 190 4.69 -8.70 -12.43
CA LEU A 190 4.66 -7.73 -11.33
C LEU A 190 3.83 -6.50 -11.70
N LEU A 191 3.99 -6.00 -12.93
CA LEU A 191 3.32 -4.77 -13.34
C LEU A 191 1.84 -4.98 -13.67
N GLY A 192 1.46 -6.24 -13.88
CA GLY A 192 0.04 -6.58 -14.03
C GLY A 192 -0.75 -6.24 -12.78
N ARG A 193 -0.09 -6.38 -11.63
CA ARG A 193 -0.68 -6.04 -10.32
C ARG A 193 -1.01 -4.56 -10.24
N LEU A 194 -0.06 -3.72 -10.62
CA LEU A 194 -0.25 -2.26 -10.64
C LEU A 194 -1.62 -1.88 -11.20
N THR A 195 -2.08 -2.63 -12.20
CA THR A 195 -3.37 -2.39 -12.85
C THR A 195 -4.53 -3.09 -12.11
N GLU A 196 -4.30 -4.29 -11.59
CA GLU A 196 -5.30 -4.97 -10.76
C GLU A 196 -5.55 -4.23 -9.44
N LEU A 197 -4.47 -3.74 -8.85
CA LEU A 197 -4.53 -2.88 -7.68
C LEU A 197 -5.34 -1.62 -7.97
N ARG A 198 -5.30 -1.16 -9.22
CA ARG A 198 -6.08 0.00 -9.62
C ARG A 198 -7.57 -0.29 -9.69
N THR A 199 -7.95 -1.52 -10.02
CA THR A 199 -9.38 -1.90 -10.04
C THR A 199 -9.99 -1.81 -8.65
N PHE A 200 -9.18 -2.14 -7.64
CA PHE A 200 -9.62 -2.09 -6.25
C PHE A 200 -9.85 -0.67 -5.71
N ASN A 201 -9.07 0.30 -6.18
CA ASN A 201 -9.37 1.73 -5.93
C ASN A 201 -10.79 2.08 -6.36
N HIS A 202 -11.09 1.81 -7.63
CA HIS A 202 -12.41 2.09 -8.19
C HIS A 202 -13.53 1.53 -7.30
N HIS A 203 -13.38 0.27 -6.89
CA HIS A 203 -14.35 -0.37 -6.01
C HIS A 203 -14.39 0.29 -4.63
N HIS A 204 -13.22 0.64 -4.10
CA HIS A 204 -13.12 1.12 -2.73
C HIS A 204 -13.98 2.34 -2.46
N ALA A 205 -14.01 3.28 -3.41
CA ALA A 205 -14.83 4.48 -3.25
C ALA A 205 -16.31 4.11 -3.17
N GLU A 206 -16.76 3.19 -4.03
CA GLU A 206 -18.13 2.66 -3.98
C GLU A 206 -18.42 1.99 -2.64
N MET A 207 -17.48 1.16 -2.19
CA MET A 207 -17.63 0.50 -0.89
C MET A 207 -17.68 1.55 0.20
N LEU A 208 -16.69 2.43 0.26
CA LEU A 208 -16.63 3.47 1.29
C LEU A 208 -18.00 4.10 1.53
N MET A 209 -18.72 4.41 0.45
CA MET A 209 -20.07 4.97 0.54
C MET A 209 -20.96 3.98 1.30
N SER A 210 -21.00 2.75 0.80
CA SER A 210 -21.75 1.67 1.43
C SER A 210 -21.62 1.71 2.94
N TRP A 211 -20.37 1.88 3.41
CA TRP A 211 -20.06 1.88 4.83
C TRP A 211 -20.58 3.13 5.49
N ARG A 212 -20.29 4.27 4.87
CA ARG A 212 -20.74 5.54 5.40
C ARG A 212 -22.24 5.52 5.67
N VAL A 213 -23.03 5.14 4.67
CA VAL A 213 -24.48 5.12 4.87
C VAL A 213 -24.92 4.11 5.94
N ASN A 214 -24.09 3.08 6.21
CA ASN A 214 -24.30 2.19 7.35
C ASN A 214 -23.74 2.74 8.65
N ASP A 215 -23.74 4.06 8.80
CA ASP A 215 -23.15 4.74 9.96
C ASP A 215 -21.79 4.17 10.39
N HIS A 216 -20.90 3.90 9.45
CA HIS A 216 -19.57 3.46 9.83
C HIS A 216 -18.71 4.68 10.14
N LYS A 217 -18.00 4.59 11.26
CA LYS A 217 -17.15 5.67 11.75
C LYS A 217 -15.69 5.41 11.34
N PHE A 218 -15.02 6.46 10.88
CA PHE A 218 -13.61 6.38 10.50
C PHE A 218 -12.82 7.45 11.24
N THR A 219 -11.50 7.39 11.12
CA THR A 219 -10.63 8.30 11.85
C THR A 219 -10.38 9.58 11.03
N PRO A 220 -9.96 10.69 11.71
CA PRO A 220 -9.69 11.95 11.00
C PRO A 220 -8.64 11.84 9.92
N LEU A 221 -7.74 10.86 10.02
CA LEU A 221 -6.67 10.66 9.04
C LEU A 221 -7.18 9.90 7.81
N LEU A 222 -8.07 8.94 8.03
CA LEU A 222 -8.68 8.19 6.92
C LEU A 222 -9.75 9.02 6.20
N GLU A 223 -10.44 9.89 6.94
CA GLU A 223 -11.39 10.81 6.34
C GLU A 223 -10.67 11.81 5.45
N GLU A 224 -9.46 12.19 5.84
CA GLU A 224 -8.64 13.08 5.05
C GLU A 224 -8.05 12.39 3.81
N ILE A 225 -7.46 11.21 4.01
CA ILE A 225 -6.81 10.47 2.92
C ILE A 225 -7.81 10.05 1.83
N TRP A 226 -9.07 9.83 2.22
CA TRP A 226 -10.12 9.46 1.26
C TRP A 226 -11.19 10.52 1.03
N ASP A 227 -11.07 11.67 1.69
CA ASP A 227 -11.96 12.82 1.51
C ASP A 227 -13.38 12.56 1.98
N VAL A 228 -13.52 11.88 3.11
CA VAL A 228 -14.84 11.69 3.70
C VAL A 228 -15.33 13.04 4.27
N GLN A 229 -16.52 13.47 3.84
CA GLN A 229 -17.10 14.74 4.34
C GLN A 229 -17.65 14.60 5.76
N ALA B 1 -7.41 22.98 3.86
CA ALA B 1 -7.63 21.51 3.66
C ALA B 1 -6.35 20.71 3.87
N HIS B 2 -6.51 19.46 4.30
CA HIS B 2 -5.41 18.50 4.51
C HIS B 2 -4.35 18.94 5.53
N GLN B 3 -4.83 19.36 6.69
CA GLN B 3 -3.97 19.80 7.79
C GLN B 3 -3.09 18.66 8.29
N LEU B 4 -3.66 17.45 8.36
CA LEU B 4 -3.02 16.31 9.04
C LEU B 4 -1.87 15.72 8.26
N LEU B 5 -2.10 15.40 7.00
CA LEU B 5 -1.05 14.85 6.14
C LEU B 5 0.13 15.81 6.05
N ARG B 6 -0.16 17.11 6.02
CA ARG B 6 0.88 18.14 6.06
C ARG B 6 1.67 18.03 7.34
N TYR B 7 0.95 18.00 8.46
CA TYR B 7 1.58 17.87 9.77
C TYR B 7 2.49 16.64 9.82
N LEU B 8 1.99 15.53 9.30
CA LEU B 8 2.76 14.28 9.26
C LEU B 8 3.95 14.32 8.30
N LEU B 9 3.83 15.11 7.23
CA LEU B 9 4.91 15.28 6.26
C LEU B 9 6.00 16.22 6.76
N ASP B 10 5.66 17.08 7.72
CA ASP B 10 6.58 18.08 8.27
C ASP B 10 7.13 17.75 9.66
N ALA B 11 6.68 16.65 10.25
CA ALA B 11 7.25 16.17 11.52
C ALA B 11 8.67 15.63 11.27
CL38 708 C . -2.33 -2.15 6.26
C37 708 C . -3.95 -2.83 6.55
C25 708 C . -4.18 -4.06 7.18
C26 708 C . -3.14 -4.92 7.78
C27 708 C . -1.90 -4.51 7.97
C28 708 C . -0.85 -5.27 8.66
C33 708 C . 0.37 -4.63 8.85
C32 708 C . 1.42 -5.24 9.51
C34 708 C . 2.71 -4.50 9.69
O36 708 C . 2.86 -3.30 9.11
O35 708 C . 3.61 -4.96 10.37
C31 708 C . 1.26 -6.52 10.02
C30 708 C . 0.04 -7.18 9.86
C29 708 C . -1.02 -6.56 9.19
C24 708 C . -5.50 -4.47 7.35
C23 708 C . -6.55 -3.70 6.87
C39 708 C . -5.00 -2.06 6.07
C22 708 C . -6.30 -2.49 6.23
O21 708 C . -7.28 -1.69 5.75
C20 708 C . -8.66 -2.00 5.92
C19 708 C . -9.46 -0.97 5.18
C4 708 C . -10.60 -0.23 5.75
C2 708 C . -11.29 -0.24 7.06
C3 708 C . -12.28 -1.40 7.06
C1 708 C . -11.97 1.10 7.37
C7 708 C . -9.31 -0.51 3.86
N6 708 C . -10.25 0.42 3.58
O5 708 C . -11.05 0.57 4.76
C8 708 C . -8.28 -0.97 2.86
S9 708 C . -9.03 -2.31 1.84
O10 708 C . -7.86 -2.65 0.52
C11 708 C . -8.92 -3.77 2.92
C17 708 C . -7.71 -4.41 3.19
CL18 708 C . -6.16 -3.82 2.51
C16 708 C . -7.68 -5.51 4.01
C15 708 C . -8.86 -6.00 4.57
C14 708 C . -10.06 -5.38 4.30
C12 708 C . -10.09 -4.26 3.47
CL13 708 C . -11.65 -3.46 3.12
#